data_1UYY
#
_entry.id   1UYY
#
_cell.length_a   63.550
_cell.length_b   67.650
_cell.length_c   85.290
_cell.angle_alpha   90.00
_cell.angle_beta   90.00
_cell.angle_gamma   90.00
#
_symmetry.space_group_name_H-M   'P 21 21 21'
#
loop_
_entity.id
_entity.type
_entity.pdbx_description
1 polymer 'CELLULASE B'
2 branched beta-D-glucopyranose-(1-4)-beta-D-glucopyranose-(1-4)-beta-D-glucopyranose
3 branched beta-D-glucopyranose-(1-4)-beta-D-glucopyranose
4 non-polymer 'CALCIUM ION'
5 water water
#
_entity_poly.entity_id   1
_entity_poly.type   'polypeptide(L)'
_entity_poly.pdbx_seq_one_letter_code
;MVIATIQAEDHSQQSGTQQETTTDTGGGKNVGYIDAGDWLSYAGTPVNIPSSGSYLIEYRVASQNGGGSLTFEEAGGAPV
HGTIAIPATGGWQTWTTIQHTVNLSAGSHQFGIKANAGGWNLNWIRINKTH
;
_entity_poly.pdbx_strand_id   A,B
#
# COMPACT_ATOMS: atom_id res chain seq x y z
N MET A 1 -4.21 5.58 -12.81
CA MET A 1 -5.44 6.05 -12.12
C MET A 1 -5.69 5.36 -10.77
N VAL A 2 -4.88 4.36 -10.43
CA VAL A 2 -5.03 3.62 -9.17
C VAL A 2 -4.40 4.39 -8.00
N ILE A 3 -5.21 4.63 -6.97
CA ILE A 3 -4.77 5.25 -5.73
C ILE A 3 -4.19 4.21 -4.78
N ALA A 4 -4.93 3.11 -4.59
CA ALA A 4 -4.47 2.02 -3.73
C ALA A 4 -5.16 0.71 -4.08
N THR A 5 -4.42 -0.39 -3.99
CA THR A 5 -5.01 -1.72 -3.91
C THR A 5 -4.75 -2.25 -2.50
N ILE A 6 -5.80 -2.71 -1.83
CA ILE A 6 -5.69 -3.27 -0.49
C ILE A 6 -6.19 -4.69 -0.54
N GLN A 7 -5.32 -5.65 -0.25
CA GLN A 7 -5.77 -7.03 -0.09
C GLN A 7 -6.65 -7.10 1.16
N ALA A 8 -7.80 -7.75 1.04
CA ALA A 8 -8.80 -7.72 2.10
C ALA A 8 -8.32 -8.30 3.41
N GLU A 9 -7.44 -9.30 3.31
CA GLU A 9 -6.87 -9.95 4.47
C GLU A 9 -5.82 -9.10 5.21
N ASP A 10 -5.35 -8.02 4.57
CA ASP A 10 -4.33 -7.13 5.17
C ASP A 10 -4.94 -6.02 6.04
N HIS A 11 -5.91 -6.44 6.85
CA HIS A 11 -6.57 -5.56 7.82
C HIS A 11 -5.73 -5.47 9.09
N SER A 12 -5.76 -4.31 9.73
CA SER A 12 -5.13 -4.11 11.03
C SER A 12 -6.00 -4.58 12.21
N GLN A 13 -7.31 -4.55 12.02
CA GLN A 13 -8.26 -5.11 12.98
C GLN A 13 -9.43 -5.72 12.21
N GLN A 14 -10.16 -6.64 12.85
CA GLN A 14 -11.35 -7.23 12.24
C GLN A 14 -12.29 -7.76 13.31
N SER A 15 -13.53 -8.05 12.90
CA SER A 15 -14.49 -8.74 13.76
C SER A 15 -15.30 -9.75 12.96
N GLY A 16 -15.31 -11.00 13.44
CA GLY A 16 -16.22 -12.03 12.96
C GLY A 16 -15.82 -12.86 11.75
N THR A 17 -14.66 -12.62 11.17
CA THR A 17 -14.28 -13.26 9.90
C THR A 17 -13.07 -14.14 10.07
N GLN A 18 -12.72 -14.85 8.99
CA GLN A 18 -11.47 -15.59 8.94
C GLN A 18 -10.94 -15.65 7.52
N GLN A 19 -9.62 -15.70 7.44
CA GLN A 19 -8.89 -15.83 6.20
C GLN A 19 -8.99 -17.26 5.65
N GLU A 20 -8.94 -17.39 4.33
CA GLU A 20 -8.86 -18.69 3.68
C GLU A 20 -8.16 -18.55 2.33
N THR A 21 -7.65 -19.64 1.80
CA THR A 21 -6.95 -19.60 0.51
C THR A 21 -7.95 -19.33 -0.60
N THR A 22 -7.56 -18.49 -1.56
CA THR A 22 -8.38 -18.24 -2.74
C THR A 22 -7.75 -18.84 -3.99
N THR A 23 -8.61 -19.28 -4.92
CA THR A 23 -8.17 -19.73 -6.24
C THR A 23 -8.39 -18.68 -7.31
N ASP A 24 -8.73 -17.45 -6.90
CA ASP A 24 -8.80 -16.33 -7.83
C ASP A 24 -7.42 -16.08 -8.45
N THR A 25 -7.41 -15.38 -9.58
CA THR A 25 -6.19 -14.92 -10.24
C THR A 25 -5.21 -14.29 -9.24
N GLY A 26 -3.95 -14.74 -9.27
CA GLY A 26 -2.94 -14.25 -8.36
C GLY A 26 -2.83 -15.04 -7.06
N GLY A 27 -3.81 -15.90 -6.79
CA GLY A 27 -3.82 -16.71 -5.58
C GLY A 27 -3.86 -15.87 -4.31
N GLY A 28 -3.23 -16.39 -3.26
CA GLY A 28 -3.18 -15.72 -1.98
C GLY A 28 -4.37 -16.10 -1.10
N LYS A 29 -4.96 -15.09 -0.45
CA LYS A 29 -6.03 -15.31 0.50
C LYS A 29 -7.22 -14.41 0.24
N ASN A 30 -8.39 -14.86 0.68
CA ASN A 30 -9.55 -13.97 0.79
C ASN A 30 -10.11 -14.01 2.19
N VAL A 31 -10.93 -13.02 2.51
CA VAL A 31 -11.69 -13.01 3.75
C VAL A 31 -12.98 -13.77 3.52
N GLY A 32 -13.31 -14.66 4.45
CA GLY A 32 -14.53 -15.43 4.40
C GLY A 32 -15.28 -15.41 5.72
N TYR A 33 -16.36 -16.18 5.76
CA TYR A 33 -17.25 -16.26 6.92
C TYR A 33 -17.72 -14.89 7.39
N ILE A 34 -18.23 -14.13 6.41
CA ILE A 34 -18.73 -12.78 6.60
C ILE A 34 -20.24 -12.82 6.86
N ASP A 35 -20.66 -12.13 7.91
CA ASP A 35 -22.06 -12.07 8.34
C ASP A 35 -22.41 -10.65 8.77
N ALA A 36 -23.69 -10.37 8.92
CA ALA A 36 -24.16 -9.08 9.42
C ALA A 36 -23.50 -8.73 10.75
N GLY A 37 -22.93 -7.52 10.81
CA GLY A 37 -22.21 -7.02 11.97
C GLY A 37 -20.70 -7.13 11.88
N ASP A 38 -20.21 -8.06 11.06
CA ASP A 38 -18.78 -8.26 10.90
C ASP A 38 -18.13 -7.05 10.24
N TRP A 39 -16.84 -6.83 10.46
CA TRP A 39 -16.16 -5.69 9.86
C TRP A 39 -14.66 -5.91 9.71
N LEU A 40 -14.05 -5.08 8.86
CA LEU A 40 -12.64 -5.10 8.54
C LEU A 40 -12.12 -3.66 8.64
N SER A 41 -11.02 -3.46 9.33
CA SER A 41 -10.39 -2.14 9.44
C SER A 41 -9.04 -2.14 8.76
N TYR A 42 -8.78 -1.07 8.02
CA TYR A 42 -7.48 -0.82 7.36
C TYR A 42 -6.83 0.43 7.95
N ALA A 43 -7.12 0.74 9.21
CA ALA A 43 -6.54 1.90 9.89
C ALA A 43 -5.02 1.88 9.95
N GLY A 44 -4.43 0.69 9.97
CA GLY A 44 -2.98 0.54 10.02
C GLY A 44 -2.26 0.94 8.74
N THR A 45 -3.00 1.02 7.64
CA THR A 45 -2.47 1.44 6.34
C THR A 45 -3.28 2.60 5.78
N PRO A 46 -3.06 3.81 6.28
CA PRO A 46 -3.80 4.96 5.77
C PRO A 46 -3.53 5.16 4.29
N VAL A 47 -4.53 5.64 3.57
CA VAL A 47 -4.45 5.87 2.13
C VAL A 47 -4.61 7.36 1.89
N ASN A 48 -3.76 7.91 1.01
CA ASN A 48 -3.78 9.32 0.73
C ASN A 48 -4.66 9.61 -0.48
N ILE A 49 -5.60 10.53 -0.30
CA ILE A 49 -6.46 10.99 -1.37
C ILE A 49 -5.92 12.36 -1.81
N PRO A 50 -5.49 12.47 -3.06
CA PRO A 50 -4.78 13.68 -3.52
C PRO A 50 -5.64 14.93 -3.65
N SER A 51 -6.94 14.74 -3.87
CA SER A 51 -7.85 15.87 -4.06
C SER A 51 -9.28 15.47 -3.73
N SER A 52 -10.07 16.42 -3.22
CA SER A 52 -11.45 16.15 -2.87
C SER A 52 -12.26 15.91 -4.13
N GLY A 53 -13.14 14.91 -4.08
CA GLY A 53 -14.02 14.61 -5.20
C GLY A 53 -14.38 13.15 -5.32
N SER A 54 -14.78 12.76 -6.52
CA SER A 54 -15.31 11.45 -6.82
C SER A 54 -14.21 10.42 -7.01
N TYR A 55 -14.35 9.28 -6.33
CA TYR A 55 -13.46 8.12 -6.47
C TYR A 55 -14.29 6.87 -6.73
N LEU A 56 -13.73 5.97 -7.52
CA LEU A 56 -14.34 4.69 -7.83
C LEU A 56 -13.75 3.65 -6.92
N ILE A 57 -14.59 2.97 -6.14
CA ILE A 57 -14.17 1.89 -5.24
C ILE A 57 -14.61 0.57 -5.86
N GLU A 58 -13.65 -0.33 -6.05
CA GLU A 58 -13.88 -1.67 -6.60
C GLU A 58 -13.69 -2.72 -5.52
N TYR A 59 -14.50 -3.78 -5.58
CA TYR A 59 -14.40 -4.90 -4.66
C TYR A 59 -14.38 -6.21 -5.45
N ARG A 60 -13.40 -7.06 -5.15
CA ARG A 60 -13.28 -8.37 -5.78
C ARG A 60 -13.99 -9.36 -4.86
N VAL A 61 -15.15 -9.85 -5.32
CA VAL A 61 -16.07 -10.61 -4.49
C VAL A 61 -16.50 -11.93 -5.10
N ALA A 62 -16.94 -12.85 -4.23
CA ALA A 62 -17.54 -14.12 -4.65
C ALA A 62 -18.71 -14.40 -3.71
N SER A 63 -19.78 -14.99 -4.24
CA SER A 63 -20.96 -15.29 -3.44
C SER A 63 -21.76 -16.44 -4.04
N GLN A 64 -22.04 -17.45 -3.22
CA GLN A 64 -22.80 -18.62 -3.68
C GLN A 64 -24.25 -18.27 -3.97
N ASN A 65 -24.88 -17.55 -3.05
CA ASN A 65 -26.33 -17.33 -3.08
C ASN A 65 -26.77 -15.87 -3.20
N GLY A 66 -25.83 -14.93 -3.14
CA GLY A 66 -26.17 -13.52 -3.18
C GLY A 66 -26.78 -13.06 -1.86
N GLY A 67 -27.36 -11.85 -1.88
CA GLY A 67 -28.04 -11.29 -0.71
C GLY A 67 -27.19 -10.39 0.18
N GLY A 68 -25.90 -10.30 -0.09
CA GLY A 68 -24.98 -9.56 0.74
C GLY A 68 -24.97 -8.07 0.45
N SER A 69 -24.46 -7.30 1.40
CA SER A 69 -24.21 -5.86 1.20
C SER A 69 -23.15 -5.38 2.19
N LEU A 70 -22.42 -4.33 1.81
CA LEU A 70 -21.42 -3.73 2.69
C LEU A 70 -21.52 -2.21 2.68
N THR A 71 -20.92 -1.62 3.72
CA THR A 71 -20.76 -0.18 3.86
C THR A 71 -19.27 0.14 3.89
N PHE A 72 -18.85 1.06 3.03
CA PHE A 72 -17.47 1.54 2.96
C PHE A 72 -17.43 2.87 3.71
N GLU A 73 -16.48 3.01 4.63
CA GLU A 73 -16.51 4.09 5.61
C GLU A 73 -15.11 4.35 6.11
N GLU A 74 -15.00 5.29 7.02
CA GLU A 74 -13.78 5.50 7.77
C GLU A 74 -13.79 4.48 8.91
N ALA A 75 -12.63 3.92 9.23
CA ALA A 75 -12.49 3.01 10.38
C ALA A 75 -13.09 3.66 11.62
N GLY A 76 -13.91 2.89 12.32
CA GLY A 76 -14.63 3.41 13.48
C GLY A 76 -16.11 3.61 13.22
N GLY A 77 -16.50 3.76 11.95
CA GLY A 77 -17.90 3.88 11.57
C GLY A 77 -18.34 5.16 10.87
N ALA A 78 -17.57 6.23 10.98
CA ALA A 78 -17.98 7.52 10.44
C ALA A 78 -16.80 8.41 10.04
N PRO A 79 -16.92 9.21 8.98
CA PRO A 79 -18.08 9.22 8.07
C PRO A 79 -18.21 8.01 7.17
N VAL A 80 -19.45 7.72 6.79
CA VAL A 80 -19.75 6.68 5.82
C VAL A 80 -19.60 7.24 4.41
N HIS A 81 -18.93 6.49 3.54
CA HIS A 81 -18.73 6.92 2.15
C HIS A 81 -19.74 6.34 1.16
N GLY A 82 -20.12 5.08 1.34
CA GLY A 82 -21.11 4.48 0.44
C GLY A 82 -21.45 3.04 0.77
N THR A 83 -22.47 2.52 0.09
CA THR A 83 -22.92 1.14 0.25
C THR A 83 -23.00 0.47 -1.11
N ILE A 84 -22.95 -0.85 -1.10
CA ILE A 84 -23.03 -1.63 -2.33
C ILE A 84 -23.62 -3.02 -2.05
N ALA A 85 -24.51 -3.46 -2.94
CA ALA A 85 -25.03 -4.82 -2.92
C ALA A 85 -24.06 -5.77 -3.60
N ILE A 86 -23.97 -6.99 -3.07
CA ILE A 86 -23.05 -8.00 -3.59
C ILE A 86 -23.87 -9.11 -4.22
N PRO A 87 -23.75 -9.26 -5.53
CA PRO A 87 -24.56 -10.23 -6.28
C PRO A 87 -24.07 -11.66 -6.11
N ALA A 88 -24.93 -12.63 -6.39
CA ALA A 88 -24.48 -14.02 -6.52
C ALA A 88 -23.55 -14.09 -7.72
N THR A 89 -22.46 -14.84 -7.57
CA THR A 89 -21.49 -15.04 -8.64
C THR A 89 -21.46 -16.48 -9.14
N GLY A 90 -22.13 -17.40 -8.46
CA GLY A 90 -22.15 -18.79 -8.87
C GLY A 90 -21.41 -19.73 -7.94
N GLY A 91 -20.60 -19.16 -7.04
CA GLY A 91 -19.85 -19.98 -6.12
C GLY A 91 -18.94 -19.19 -5.21
N TRP A 92 -18.48 -19.84 -4.15
CA TRP A 92 -17.61 -19.21 -3.15
C TRP A 92 -16.24 -18.84 -3.69
N GLN A 93 -15.81 -19.46 -4.79
CA GLN A 93 -14.55 -19.10 -5.45
C GLN A 93 -14.76 -18.78 -6.94
N THR A 94 -15.94 -18.25 -7.27
CA THR A 94 -16.19 -17.70 -8.59
C THR A 94 -16.23 -16.18 -8.39
N TRP A 95 -15.24 -15.50 -8.97
CA TRP A 95 -14.91 -14.11 -8.62
C TRP A 95 -15.33 -13.10 -9.69
N THR A 96 -15.78 -11.95 -9.22
CA THR A 96 -16.10 -10.84 -10.10
C THR A 96 -15.76 -9.53 -9.39
N THR A 97 -15.61 -8.46 -10.15
CA THR A 97 -15.30 -7.16 -9.59
C THR A 97 -16.52 -6.27 -9.71
N ILE A 98 -16.98 -5.73 -8.58
CA ILE A 98 -18.09 -4.79 -8.54
C ILE A 98 -17.54 -3.43 -8.14
N GLN A 99 -18.32 -2.38 -8.37
CA GLN A 99 -17.84 -1.02 -8.14
C GLN A 99 -18.96 -0.03 -7.85
N HIS A 100 -18.60 1.02 -7.12
CA HIS A 100 -19.44 2.21 -6.99
C HIS A 100 -18.60 3.46 -6.82
N THR A 101 -19.23 4.62 -6.86
CA THR A 101 -18.53 5.88 -6.61
C THR A 101 -18.91 6.44 -5.26
N VAL A 102 -17.97 7.15 -4.66
CA VAL A 102 -18.14 7.87 -3.42
C VAL A 102 -17.41 9.20 -3.52
N ASN A 103 -17.79 10.16 -2.69
CA ASN A 103 -17.01 11.37 -2.51
C ASN A 103 -16.04 11.16 -1.37
N LEU A 104 -14.79 11.61 -1.56
CA LEU A 104 -13.76 11.59 -0.53
C LEU A 104 -13.08 12.95 -0.41
N SER A 105 -12.84 13.37 0.81
CA SER A 105 -12.04 14.56 1.07
C SER A 105 -10.55 14.30 0.85
N ALA A 106 -9.82 15.34 0.46
CA ALA A 106 -8.36 15.25 0.32
C ALA A 106 -7.72 14.93 1.66
N GLY A 107 -6.62 14.18 1.61
CA GLY A 107 -5.79 13.93 2.78
C GLY A 107 -5.75 12.46 3.12
N SER A 108 -5.27 12.17 4.32
CA SER A 108 -5.06 10.81 4.76
C SER A 108 -6.36 10.21 5.29
N HIS A 109 -6.70 9.04 4.79
CA HIS A 109 -7.91 8.29 5.20
C HIS A 109 -7.54 6.97 5.84
N GLN A 110 -8.32 6.56 6.83
CA GLN A 110 -8.23 5.23 7.40
C GLN A 110 -9.55 4.56 7.12
N PHE A 111 -9.56 3.63 6.16
CA PHE A 111 -10.80 3.02 5.70
C PHE A 111 -11.22 1.80 6.49
N GLY A 112 -12.51 1.51 6.45
CA GLY A 112 -13.12 0.32 7.03
C GLY A 112 -14.28 -0.17 6.19
N ILE A 113 -14.62 -1.44 6.36
CA ILE A 113 -15.77 -2.07 5.72
C ILE A 113 -16.64 -2.74 6.77
N LYS A 114 -17.93 -2.45 6.75
CA LYS A 114 -18.91 -3.10 7.63
C LYS A 114 -19.84 -3.95 6.77
N ALA A 115 -19.99 -5.22 7.12
CA ALA A 115 -20.96 -6.08 6.45
C ALA A 115 -22.36 -5.87 7.03
N ASN A 116 -23.29 -5.45 6.18
CA ASN A 116 -24.68 -5.26 6.59
C ASN A 116 -25.46 -6.57 6.47
N ALA A 117 -25.04 -7.39 5.53
CA ALA A 117 -25.59 -8.74 5.34
C ALA A 117 -24.47 -9.61 4.79
N GLY A 118 -24.42 -10.87 5.21
CA GLY A 118 -23.37 -11.78 4.79
C GLY A 118 -23.65 -12.50 3.49
N GLY A 119 -22.94 -13.61 3.28
CA GLY A 119 -23.13 -14.45 2.11
C GLY A 119 -22.08 -14.29 1.02
N TRP A 120 -20.97 -13.62 1.32
CA TRP A 120 -19.96 -13.30 0.32
C TRP A 120 -18.54 -13.39 0.88
N ASN A 121 -17.58 -13.54 -0.03
CA ASN A 121 -16.14 -13.50 0.24
C ASN A 121 -15.53 -12.27 -0.40
N LEU A 122 -14.41 -11.79 0.14
CA LEU A 122 -13.74 -10.58 -0.36
C LEU A 122 -12.25 -10.84 -0.52
N ASN A 123 -11.72 -10.62 -1.73
CA ASN A 123 -10.30 -10.83 -2.04
C ASN A 123 -9.48 -9.55 -1.85
N TRP A 124 -9.93 -8.47 -2.45
CA TRP A 124 -9.24 -7.17 -2.38
C TRP A 124 -10.21 -6.04 -2.70
N ILE A 125 -9.74 -4.82 -2.41
CA ILE A 125 -10.44 -3.57 -2.67
C ILE A 125 -9.48 -2.68 -3.46
N ARG A 126 -10.01 -1.84 -4.34
CA ARG A 126 -9.17 -0.90 -5.08
C ARG A 126 -9.84 0.46 -5.15
N ILE A 127 -9.07 1.51 -4.91
CA ILE A 127 -9.54 2.88 -4.98
C ILE A 127 -8.92 3.51 -6.21
N ASN A 128 -9.76 4.11 -7.05
CA ASN A 128 -9.33 4.69 -8.32
C ASN A 128 -9.82 6.11 -8.47
N LYS A 129 -9.03 6.95 -9.13
CA LYS A 129 -9.51 8.25 -9.57
C LYS A 129 -10.58 8.08 -10.64
N THR A 130 -11.44 9.09 -10.75
CA THR A 130 -12.38 9.24 -11.87
C THR A 130 -11.95 10.42 -12.75
N HIS A 131 -11.06 11.25 -12.22
CA HIS A 131 -10.87 12.64 -12.61
C HIS A 131 -9.41 12.91 -12.89
N MET B 1 31.23 8.64 0.76
CA MET B 1 30.76 9.75 1.63
C MET B 1 29.23 9.86 1.59
N VAL B 2 28.65 9.87 2.77
CA VAL B 2 27.20 9.88 2.93
C VAL B 2 26.65 11.30 2.77
N ILE B 3 25.64 11.42 1.91
CA ILE B 3 24.88 12.65 1.73
C ILE B 3 23.70 12.71 2.70
N ALA B 4 22.97 11.60 2.82
CA ALA B 4 21.81 11.54 3.70
C ALA B 4 21.48 10.10 4.04
N THR B 5 21.05 9.87 5.28
CA THR B 5 20.44 8.61 5.70
C THR B 5 19.00 8.95 6.07
N ILE B 6 18.05 8.19 5.55
CA ILE B 6 16.63 8.45 5.77
C ILE B 6 15.97 7.17 6.22
N GLN B 7 15.45 7.18 7.44
CA GLN B 7 14.68 6.06 7.93
C GLN B 7 13.35 6.05 7.19
N ALA B 8 12.95 4.87 6.70
CA ALA B 8 11.80 4.80 5.79
C ALA B 8 10.51 5.29 6.44
N GLU B 9 10.41 5.09 7.75
CA GLU B 9 9.23 5.49 8.51
C GLU B 9 9.14 7.01 8.76
N ASP B 10 10.21 7.75 8.48
CA ASP B 10 10.24 9.21 8.72
C ASP B 10 9.76 10.00 7.49
N HIS B 11 8.68 9.51 6.90
CA HIS B 11 8.03 10.15 5.77
C HIS B 11 7.10 11.25 6.27
N SER B 12 7.04 12.35 5.52
CA SER B 12 6.07 13.42 5.80
C SER B 12 4.67 13.10 5.27
N GLN B 13 4.60 12.28 4.22
CA GLN B 13 3.35 11.75 3.70
C GLN B 13 3.59 10.34 3.19
N GLN B 14 2.53 9.54 3.11
CA GLN B 14 2.60 8.22 2.48
C GLN B 14 1.21 7.78 2.09
N SER B 15 1.15 6.68 1.34
CA SER B 15 -0.11 6.05 1.02
C SER B 15 0.02 4.54 0.99
N GLY B 16 -0.86 3.87 1.73
CA GLY B 16 -1.06 2.43 1.63
C GLY B 16 -0.20 1.52 2.48
N THR B 17 0.76 2.08 3.21
CA THR B 17 1.73 1.26 3.94
C THR B 17 1.51 1.30 5.45
N GLN B 18 2.12 0.34 6.13
CA GLN B 18 2.02 0.20 7.56
C GLN B 18 3.38 0.31 8.22
N GLN B 19 3.43 1.01 9.34
CA GLN B 19 4.63 1.07 10.15
C GLN B 19 4.61 -0.13 11.08
N GLU B 20 5.76 -0.78 11.21
CA GLU B 20 5.88 -1.93 12.09
C GLU B 20 7.28 -2.03 12.69
N THR B 21 7.39 -2.77 13.77
CA THR B 21 8.67 -2.97 14.42
C THR B 21 9.57 -3.84 13.56
N THR B 22 10.84 -3.45 13.46
CA THR B 22 11.85 -4.27 12.80
C THR B 22 12.84 -4.88 13.79
N THR B 23 13.32 -6.07 13.45
CA THR B 23 14.38 -6.74 14.21
C THR B 23 15.73 -6.66 13.49
N ASP B 24 15.80 -5.84 12.45
CA ASP B 24 17.08 -5.55 11.81
C ASP B 24 18.03 -4.87 12.79
N THR B 25 19.31 -4.87 12.48
CA THR B 25 20.32 -4.18 13.27
C THR B 25 19.92 -2.74 13.55
N GLY B 26 19.95 -2.33 14.81
CA GLY B 26 19.59 -0.98 15.21
C GLY B 26 18.14 -0.87 15.66
N GLY B 27 17.36 -1.94 15.43
CA GLY B 27 15.95 -1.97 15.75
C GLY B 27 15.19 -0.81 15.10
N GLY B 28 14.16 -0.34 15.80
CA GLY B 28 13.32 0.74 15.31
C GLY B 28 12.14 0.22 14.53
N LYS B 29 11.85 0.87 13.41
CA LYS B 29 10.69 0.54 12.59
C LYS B 29 11.06 0.32 11.14
N ASN B 30 10.24 -0.46 10.45
CA ASN B 30 10.27 -0.50 9.00
C ASN B 30 8.88 -0.25 8.42
N VAL B 31 8.85 0.03 7.13
CA VAL B 31 7.61 0.17 6.39
C VAL B 31 7.28 -1.17 5.79
N GLY B 32 6.01 -1.55 5.90
CA GLY B 32 5.53 -2.82 5.38
C GLY B 32 4.18 -2.71 4.70
N TYR B 33 3.61 -3.87 4.37
CA TYR B 33 2.36 -3.96 3.62
C TYR B 33 2.37 -3.04 2.39
N ILE B 34 3.43 -3.19 1.60
CA ILE B 34 3.63 -2.41 0.40
C ILE B 34 3.03 -3.17 -0.78
N ASP B 35 2.16 -2.48 -1.52
CA ASP B 35 1.54 -2.98 -2.73
C ASP B 35 1.86 -2.05 -3.86
N ALA B 36 1.75 -2.53 -5.10
CA ALA B 36 1.93 -1.68 -6.25
C ALA B 36 1.03 -0.45 -6.13
N GLY B 37 1.61 0.73 -6.31
CA GLY B 37 0.92 2.01 -6.22
C GLY B 37 1.08 2.74 -4.91
N ASP B 38 1.51 2.02 -3.88
CA ASP B 38 1.80 2.65 -2.59
C ASP B 38 3.02 3.54 -2.75
N TRP B 39 3.15 4.53 -1.87
CA TRP B 39 4.26 5.46 -1.97
C TRP B 39 4.63 6.09 -0.64
N LEU B 40 5.82 6.68 -0.62
CA LEU B 40 6.41 7.33 0.56
C LEU B 40 6.99 8.67 0.11
N SER B 41 6.74 9.72 0.86
CA SER B 41 7.31 11.04 0.56
C SER B 41 8.16 11.53 1.71
N TYR B 42 9.31 12.11 1.37
CA TYR B 42 10.25 12.71 2.33
C TYR B 42 10.39 14.20 2.06
N ALA B 43 9.31 14.82 1.58
CA ALA B 43 9.29 16.24 1.25
C ALA B 43 9.52 17.14 2.45
N GLY B 44 9.12 16.68 3.63
CA GLY B 44 9.27 17.46 4.85
C GLY B 44 10.71 17.63 5.31
N THR B 45 11.61 16.81 4.77
CA THR B 45 13.04 16.87 5.09
C THR B 45 13.84 16.98 3.79
N PRO B 46 13.88 18.17 3.18
CA PRO B 46 14.65 18.34 1.94
C PRO B 46 16.13 18.02 2.16
N VAL B 47 16.75 17.42 1.14
CA VAL B 47 18.14 16.99 1.18
C VAL B 47 18.94 17.76 0.12
N ASN B 48 20.12 18.25 0.49
CA ASN B 48 20.97 18.96 -0.44
C ASN B 48 21.90 18.02 -1.20
N ILE B 49 21.97 18.21 -2.52
CA ILE B 49 22.94 17.53 -3.35
C ILE B 49 24.00 18.57 -3.72
N PRO B 50 25.25 18.34 -3.32
CA PRO B 50 26.29 19.37 -3.46
C PRO B 50 26.75 19.69 -4.88
N SER B 51 26.66 18.71 -5.78
CA SER B 51 27.07 18.89 -7.17
C SER B 51 26.31 17.93 -8.06
N SER B 52 26.06 18.34 -9.30
CA SER B 52 25.37 17.50 -10.26
C SER B 52 26.24 16.31 -10.63
N GLY B 53 25.63 15.14 -10.72
CA GLY B 53 26.34 13.96 -11.15
C GLY B 53 25.82 12.68 -10.55
N SER B 54 26.67 11.66 -10.52
CA SER B 54 26.28 10.32 -10.15
C SER B 54 26.25 10.16 -8.63
N TYR B 55 25.18 9.57 -8.13
CA TYR B 55 25.01 9.21 -6.72
C TYR B 55 24.57 7.77 -6.58
N LEU B 56 25.04 7.13 -5.51
CA LEU B 56 24.68 5.76 -5.19
C LEU B 56 23.56 5.76 -4.17
N ILE B 57 22.44 5.15 -4.51
CA ILE B 57 21.31 5.04 -3.59
C ILE B 57 21.22 3.61 -3.08
N GLU B 58 21.22 3.45 -1.76
CA GLU B 58 21.12 2.15 -1.10
C GLU B 58 19.76 2.04 -0.41
N TYR B 59 19.20 0.82 -0.42
CA TYR B 59 17.94 0.52 0.24
C TYR B 59 18.12 -0.72 1.11
N ARG B 60 17.67 -0.62 2.35
CA ARG B 60 17.71 -1.74 3.29
C ARG B 60 16.34 -2.42 3.23
N VAL B 61 16.31 -3.63 2.67
CA VAL B 61 15.07 -4.29 2.28
C VAL B 61 14.95 -5.74 2.75
N ALA B 62 13.71 -6.21 2.83
CA ALA B 62 13.40 -7.61 3.15
C ALA B 62 12.22 -8.04 2.31
N SER B 63 12.20 -9.30 1.91
CA SER B 63 11.12 -9.82 1.07
C SER B 63 11.01 -11.34 1.22
N GLN B 64 9.82 -11.81 1.58
CA GLN B 64 9.59 -13.25 1.71
C GLN B 64 9.70 -13.96 0.36
N ASN B 65 9.03 -13.42 -0.66
CA ASN B 65 8.84 -14.13 -1.93
C ASN B 65 9.45 -13.46 -3.16
N GLY B 66 10.02 -12.27 -2.98
CA GLY B 66 10.57 -11.52 -4.10
C GLY B 66 9.50 -10.91 -4.99
N GLY B 67 9.92 -10.42 -6.14
CA GLY B 67 9.02 -9.88 -7.16
C GLY B 67 8.76 -8.37 -7.07
N GLY B 68 9.28 -7.73 -6.04
CA GLY B 68 9.03 -6.32 -5.81
C GLY B 68 9.92 -5.41 -6.64
N SER B 69 9.50 -4.16 -6.76
CA SER B 69 10.33 -3.13 -7.42
C SER B 69 9.86 -1.74 -6.99
N LEU B 70 10.77 -0.77 -7.05
CA LEU B 70 10.45 0.61 -6.70
C LEU B 70 11.06 1.61 -7.67
N THR B 71 10.47 2.80 -7.66
CA THR B 71 10.96 3.96 -8.38
C THR B 71 11.35 5.03 -7.36
N PHE B 72 12.59 5.52 -7.49
CA PHE B 72 13.14 6.60 -6.68
C PHE B 72 13.02 7.89 -7.50
N GLU B 73 12.44 8.92 -6.91
CA GLU B 73 12.00 10.10 -7.65
C GLU B 73 11.93 11.32 -6.72
N GLU B 74 11.46 12.45 -7.23
CA GLU B 74 11.09 13.56 -6.38
C GLU B 74 9.66 13.34 -5.91
N ALA B 75 9.34 13.83 -4.71
CA ALA B 75 7.98 13.79 -4.20
C ALA B 75 7.04 14.42 -5.21
N GLY B 76 5.93 13.73 -5.49
CA GLY B 76 4.98 14.19 -6.51
C GLY B 76 5.04 13.41 -7.80
N GLY B 77 6.18 12.78 -8.10
CA GLY B 77 6.30 11.87 -9.23
C GLY B 77 7.35 12.17 -10.29
N ALA B 78 7.90 13.38 -10.31
CA ALA B 78 8.83 13.78 -11.36
C ALA B 78 9.76 14.91 -10.91
N PRO B 79 11.01 14.93 -11.36
CA PRO B 79 11.63 13.88 -12.18
C PRO B 79 11.90 12.57 -11.46
N VAL B 80 11.86 11.49 -12.25
CA VAL B 80 12.23 10.16 -11.80
C VAL B 80 13.75 9.99 -11.92
N HIS B 81 14.37 9.42 -10.88
CA HIS B 81 15.82 9.21 -10.83
C HIS B 81 16.24 7.80 -11.21
N GLY B 82 15.49 6.79 -10.79
CA GLY B 82 15.85 5.41 -11.12
C GLY B 82 14.89 4.38 -10.58
N THR B 83 15.09 3.13 -11.00
CA THR B 83 14.30 2.01 -10.54
C THR B 83 15.20 0.88 -10.10
N ILE B 84 14.66 -0.01 -9.27
CA ILE B 84 15.45 -1.13 -8.77
C ILE B 84 14.53 -2.29 -8.41
N ALA B 85 14.97 -3.51 -8.75
CA ALA B 85 14.29 -4.73 -8.37
C ALA B 85 14.69 -5.14 -6.97
N ILE B 86 13.73 -5.66 -6.22
CA ILE B 86 13.96 -6.08 -4.84
C ILE B 86 13.90 -7.60 -4.78
N PRO B 87 15.02 -8.21 -4.44
CA PRO B 87 15.14 -9.68 -4.47
C PRO B 87 14.44 -10.32 -3.28
N ALA B 88 14.11 -11.61 -3.39
CA ALA B 88 13.71 -12.38 -2.22
C ALA B 88 14.91 -12.46 -1.27
N THR B 89 14.67 -12.27 0.02
CA THR B 89 15.72 -12.36 1.03
C THR B 89 15.53 -13.55 1.97
N GLY B 90 14.41 -14.26 1.87
CA GLY B 90 14.15 -15.42 2.72
C GLY B 90 13.12 -15.20 3.80
N GLY B 91 12.80 -13.93 4.08
CA GLY B 91 11.82 -13.62 5.11
C GLY B 91 11.53 -12.13 5.23
N TRP B 92 10.42 -11.82 5.89
CA TRP B 92 9.96 -10.45 6.08
C TRP B 92 10.87 -9.63 7.01
N GLN B 93 11.69 -10.30 7.80
CA GLN B 93 12.68 -9.62 8.65
C GLN B 93 14.08 -10.22 8.46
N THR B 94 14.34 -10.70 7.24
CA THR B 94 15.68 -11.08 6.82
C THR B 94 16.15 -9.97 5.86
N TRP B 95 17.13 -9.19 6.30
CA TRP B 95 17.47 -7.90 5.66
C TRP B 95 18.74 -7.96 4.83
N THR B 96 18.74 -7.21 3.75
CA THR B 96 19.91 -7.01 2.92
C THR B 96 19.92 -5.58 2.35
N THR B 97 21.07 -5.12 1.89
CA THR B 97 21.20 -3.81 1.29
C THR B 97 21.42 -3.94 -0.20
N ILE B 98 20.56 -3.30 -1.00
CA ILE B 98 20.70 -3.27 -2.44
C ILE B 98 21.01 -1.84 -2.84
N GLN B 99 21.50 -1.67 -4.06
CA GLN B 99 21.95 -0.36 -4.50
C GLN B 99 21.89 -0.20 -6.01
N HIS B 100 21.78 1.07 -6.41
CA HIS B 100 21.90 1.47 -7.80
C HIS B 100 22.41 2.90 -7.91
N THR B 101 22.79 3.30 -9.11
CA THR B 101 23.23 4.67 -9.35
C THR B 101 22.17 5.44 -10.10
N VAL B 102 22.13 6.74 -9.81
CA VAL B 102 21.27 7.69 -10.49
C VAL B 102 22.02 9.00 -10.70
N ASN B 103 21.59 9.78 -11.67
CA ASN B 103 22.03 11.16 -11.80
C ASN B 103 21.13 12.06 -10.95
N LEU B 104 21.74 12.98 -10.21
CA LEU B 104 21.01 14.01 -9.46
C LEU B 104 21.58 15.38 -9.75
N SER B 105 20.70 16.36 -9.90
CA SER B 105 21.10 17.75 -10.07
C SER B 105 21.47 18.37 -8.73
N ALA B 106 22.38 19.35 -8.75
CA ALA B 106 22.75 20.09 -7.56
C ALA B 106 21.56 20.87 -7.04
N GLY B 107 21.51 21.03 -5.71
CA GLY B 107 20.48 21.82 -5.07
C GLY B 107 19.63 21.01 -4.11
N SER B 108 18.52 21.60 -3.69
CA SER B 108 17.63 20.99 -2.71
C SER B 108 16.72 19.98 -3.41
N HIS B 109 16.54 18.83 -2.77
CA HIS B 109 15.69 17.75 -3.27
C HIS B 109 14.67 17.37 -2.23
N GLN B 110 13.47 17.02 -2.69
CA GLN B 110 12.43 16.44 -1.86
C GLN B 110 12.17 15.08 -2.47
N PHE B 111 12.68 14.02 -1.84
CA PHE B 111 12.66 12.69 -2.43
C PHE B 111 11.37 11.93 -2.13
N GLY B 112 11.03 11.01 -3.02
CA GLY B 112 9.91 10.08 -2.86
C GLY B 112 10.22 8.73 -3.45
N ILE B 113 9.46 7.73 -3.01
CA ILE B 113 9.53 6.37 -3.51
C ILE B 113 8.13 5.89 -3.87
N LYS B 114 7.96 5.34 -5.06
CA LYS B 114 6.73 4.68 -5.46
C LYS B 114 7.01 3.20 -5.67
N ALA B 115 6.18 2.33 -5.09
CA ALA B 115 6.26 0.90 -5.35
C ALA B 115 5.62 0.53 -6.67
N ASN B 116 6.37 -0.11 -7.56
CA ASN B 116 5.83 -0.60 -8.83
C ASN B 116 5.29 -2.02 -8.72
N ALA B 117 5.80 -2.77 -7.76
CA ALA B 117 5.30 -4.10 -7.40
C ALA B 117 5.56 -4.27 -5.91
N GLY B 118 4.64 -4.93 -5.22
CA GLY B 118 4.72 -5.07 -3.78
C GLY B 118 5.50 -6.29 -3.32
N GLY B 119 5.32 -6.65 -2.06
CA GLY B 119 5.89 -7.87 -1.52
C GLY B 119 7.23 -7.68 -0.84
N TRP B 120 7.53 -6.46 -0.41
CA TRP B 120 8.79 -6.14 0.28
C TRP B 120 8.58 -5.15 1.42
N ASN B 121 9.58 -5.09 2.31
CA ASN B 121 9.64 -4.16 3.43
C ASN B 121 10.88 -3.27 3.26
N LEU B 122 10.83 -2.08 3.86
CA LEU B 122 11.90 -1.09 3.74
C LEU B 122 12.24 -0.48 5.10
N ASN B 123 13.50 -0.56 5.49
CA ASN B 123 13.95 -0.05 6.79
C ASN B 123 14.47 1.38 6.68
N TRP B 124 15.37 1.62 5.72
CA TRP B 124 15.97 2.93 5.48
C TRP B 124 16.55 3.02 4.07
N ILE B 125 16.90 4.23 3.68
CA ILE B 125 17.55 4.57 2.42
C ILE B 125 18.80 5.39 2.72
N ARG B 126 19.83 5.26 1.90
CA ARG B 126 21.02 6.09 2.04
C ARG B 126 21.51 6.57 0.69
N ILE B 127 21.87 7.85 0.63
CA ILE B 127 22.38 8.47 -0.58
C ILE B 127 23.86 8.74 -0.36
N ASN B 128 24.68 8.32 -1.30
CA ASN B 128 26.13 8.42 -1.18
C ASN B 128 26.72 9.06 -2.43
N LYS B 129 27.78 9.83 -2.29
CA LYS B 129 28.47 10.30 -3.49
C LYS B 129 29.32 9.16 -4.09
N THR B 130 29.62 9.30 -5.38
CA THR B 130 30.54 8.43 -6.10
C THR B 130 31.75 9.23 -6.59
N HIS B 131 31.46 10.40 -7.19
CA HIS B 131 32.41 11.29 -7.88
C HIS B 131 32.45 10.99 -9.38
#